data_3DCX
#
_entry.id   3DCX
#
_cell.length_a   61.070
_cell.length_b   75.320
_cell.length_c   139.400
_cell.angle_alpha   90.000
_cell.angle_beta   90.000
_cell.angle_gamma   90.000
#
_symmetry.space_group_name_H-M   'P 21 21 21'
#
loop_
_entity.id
_entity.type
_entity.pdbx_description
1 polymer 'Protein of Unknown Function (DUF1696) with Pleckstrin-homology Domains'
2 non-polymer (4S)-2-METHYL-2,4-PENTANEDIOL
3 non-polymer 'CHLORIDE ION'
4 water water
#
_entity_poly.entity_id   1
_entity_poly.type   'polypeptide(L)'
_entity_poly.pdbx_seq_one_letter_code
;GGNAAEVNLDELAQELGPI(MSE)GDNEQLALAYRVIRD(MSE)FVFTNKRLILIDKQGVTGKKVSYHSVPYKAITHFEV
ETAGTFD(MSE)DAELKLWISGQKDPLVKELKKGTDVVGIQKTIANFSL
;
_entity_poly.pdbx_strand_id   A,B,C,D,E
#
# COMPACT_ATOMS: atom_id res chain seq x y z
N GLY A 1 1.81 29.22 -19.02
CA GLY A 1 1.33 30.63 -18.99
C GLY A 1 0.03 30.79 -18.20
N GLY A 2 -0.28 32.02 -17.83
CA GLY A 2 -1.41 32.33 -16.95
C GLY A 2 -0.91 32.55 -15.53
N ASN A 3 -1.61 33.39 -14.75
CA ASN A 3 -1.20 33.72 -13.38
C ASN A 3 -2.07 33.02 -12.30
N ALA A 4 -1.44 32.62 -11.21
CA ALA A 4 -2.15 32.10 -10.04
C ALA A 4 -2.30 33.24 -9.03
N ALA A 5 -3.47 33.32 -8.41
CA ALA A 5 -3.77 34.32 -7.39
C ALA A 5 -3.83 33.63 -6.02
N GLU A 6 -3.20 34.22 -5.02
CA GLU A 6 -3.27 33.72 -3.65
C GLU A 6 -4.67 33.97 -3.06
N VAL A 7 -5.20 32.99 -2.33
CA VAL A 7 -6.55 33.07 -1.74
C VAL A 7 -6.46 33.36 -0.25
N ASN A 8 -7.32 34.25 0.23
CA ASN A 8 -7.37 34.57 1.63
C ASN A 8 -7.76 33.35 2.46
N LEU A 9 -6.89 32.95 3.37
CA LEU A 9 -7.06 31.71 4.11
C LEU A 9 -8.07 31.81 5.25
N ASP A 10 -8.36 33.03 5.72
CA ASP A 10 -9.38 33.22 6.75
C ASP A 10 -10.77 32.97 6.19
N GLU A 11 -11.06 33.55 5.04
CA GLU A 11 -12.33 33.33 4.38
C GLU A 11 -12.43 31.90 3.90
N LEU A 12 -11.35 31.36 3.35
CA LEU A 12 -11.38 29.97 2.79
C LEU A 12 -11.68 28.97 3.89
N ALA A 13 -11.07 29.20 5.05
CA ALA A 13 -11.24 28.34 6.22
C ALA A 13 -12.69 28.33 6.71
N GLN A 14 -13.35 29.48 6.63
CA GLN A 14 -14.76 29.59 6.99
C GLN A 14 -15.62 28.85 5.97
N GLU A 15 -15.26 28.94 4.70
CA GLU A 15 -16.07 28.33 3.65
C GLU A 15 -15.85 26.81 3.53
N LEU A 16 -14.63 26.36 3.81
CA LEU A 16 -14.31 24.94 3.74
C LEU A 16 -14.47 24.21 5.07
N GLY A 17 -14.57 24.97 6.15
CA GLY A 17 -14.69 24.44 7.48
C GLY A 17 -15.55 23.20 7.62
N PRO A 18 -16.77 23.23 7.05
CA PRO A 18 -17.65 22.06 7.15
C PRO A 18 -17.13 20.73 6.60
N ILE A 19 -16.19 20.74 5.65
CA ILE A 19 -15.62 19.48 5.08
C ILE A 19 -14.18 19.23 5.55
N GLY A 21 -11.24 18.48 8.48
CA GLY A 21 -11.08 17.70 9.70
C GLY A 21 -11.05 18.63 10.92
N ASP A 22 -11.42 18.09 12.08
CA ASP A 22 -11.45 18.85 13.34
C ASP A 22 -10.10 19.54 13.64
N ASN A 23 -8.99 18.85 13.42
CA ASN A 23 -7.65 19.40 13.66
C ASN A 23 -6.89 19.81 12.37
N GLU A 24 -7.63 20.13 11.31
CA GLU A 24 -7.04 20.51 10.06
C GLU A 24 -6.90 22.02 9.97
N GLN A 25 -5.78 22.45 9.41
CA GLN A 25 -5.50 23.87 9.18
C GLN A 25 -5.05 24.10 7.76
N LEU A 26 -5.41 25.28 7.24
CA LEU A 26 -4.98 25.67 5.91
C LEU A 26 -3.59 26.28 5.94
N ALA A 27 -2.75 25.92 4.98
CA ALA A 27 -1.39 26.46 4.93
C ALA A 27 -1.24 27.47 3.80
N LEU A 28 -1.87 27.17 2.69
CA LEU A 28 -1.62 27.89 1.46
C LEU A 28 -2.70 27.56 0.45
N ALA A 29 -3.13 28.56 -0.32
CA ALA A 29 -4.08 28.30 -1.36
C ALA A 29 -3.96 29.23 -2.54
N TYR A 30 -4.10 28.65 -3.74
CA TYR A 30 -4.02 29.40 -4.98
C TYR A 30 -5.28 29.18 -5.82
N ARG A 31 -5.71 30.24 -6.48
CA ARG A 31 -6.74 30.13 -7.49
C ARG A 31 -6.19 30.31 -8.91
N VAL A 32 -6.67 29.51 -9.83
CA VAL A 32 -6.41 29.72 -11.24
C VAL A 32 -7.79 29.79 -11.90
N ILE A 33 -8.21 31.02 -12.22
CA ILE A 33 -9.55 31.28 -12.77
C ILE A 33 -10.63 30.82 -11.77
N ARG A 34 -11.32 29.72 -12.03
CA ARG A 34 -12.33 29.21 -11.09
C ARG A 34 -11.84 28.06 -10.18
N ASP A 35 -10.73 27.46 -10.56
CA ASP A 35 -10.20 26.29 -9.88
C ASP A 35 -9.27 26.72 -8.74
N PHE A 37 -6.26 25.22 -5.75
CA PHE A 37 -5.30 24.26 -5.26
C PHE A 37 -5.01 24.63 -3.80
N VAL A 38 -5.47 23.80 -2.87
CA VAL A 38 -5.41 24.15 -1.46
C VAL A 38 -4.46 23.21 -0.73
N PHE A 39 -3.51 23.79 0.00
CA PHE A 39 -2.62 23.02 0.86
C PHE A 39 -3.10 23.14 2.27
N THR A 40 -3.51 22.02 2.87
CA THR A 40 -3.76 21.99 4.28
C THR A 40 -2.56 21.35 5.01
N ASN A 41 -2.65 21.19 6.32
CA ASN A 41 -1.61 20.41 7.00
C ASN A 41 -1.76 18.87 6.87
N LYS A 42 -2.80 18.41 6.21
CA LYS A 42 -3.13 16.97 6.06
C LYS A 42 -3.24 16.49 4.61
N ARG A 43 -3.56 17.40 3.70
CA ARG A 43 -3.85 17.01 2.32
C ARG A 43 -3.78 18.19 1.38
N LEU A 44 -3.75 17.89 0.09
CA LEU A 44 -4.14 18.85 -0.91
C LEU A 44 -5.62 18.66 -1.18
N ILE A 45 -6.33 19.77 -1.36
CA ILE A 45 -7.68 19.77 -1.89
C ILE A 45 -7.63 20.43 -3.28
N LEU A 46 -8.03 19.67 -4.30
CA LEU A 46 -8.06 20.20 -5.64
C LEU A 46 -9.52 20.42 -5.99
N ILE A 47 -9.88 21.69 -6.16
CA ILE A 47 -11.25 22.10 -6.48
C ILE A 47 -11.35 22.48 -7.95
N ASP A 48 -11.98 21.62 -8.75
CA ASP A 48 -12.10 21.85 -10.16
CA ASP A 48 -12.12 21.83 -10.18
C ASP A 48 -13.58 22.09 -10.49
N LYS A 49 -13.84 23.15 -11.23
CA LYS A 49 -15.21 23.46 -11.67
C LYS A 49 -15.29 23.32 -13.20
N GLN A 50 -16.39 22.78 -13.66
CA GLN A 50 -16.62 22.60 -15.09
C GLN A 50 -17.98 23.14 -15.49
N GLY A 51 -18.13 23.41 -16.78
CA GLY A 51 -19.38 23.86 -17.38
C GLY A 51 -19.32 25.35 -17.50
N VAL A 52 -20.22 25.94 -18.27
CA VAL A 52 -20.28 27.39 -18.42
C VAL A 52 -20.51 28.08 -17.06
N THR A 53 -21.42 27.53 -16.25
CA THR A 53 -21.82 28.15 -15.00
C THR A 53 -20.98 27.67 -13.83
N GLY A 54 -20.11 26.69 -14.08
CA GLY A 54 -19.20 26.24 -13.09
C GLY A 54 -19.87 25.50 -11.95
N LYS A 55 -20.97 24.80 -12.24
CA LYS A 55 -21.76 24.11 -11.22
C LYS A 55 -21.38 22.63 -11.08
N LYS A 56 -20.64 22.10 -12.05
CA LYS A 56 -20.09 20.75 -11.95
CA LYS A 56 -20.08 20.75 -11.95
C LYS A 56 -18.77 20.90 -11.18
N VAL A 57 -18.78 20.54 -9.89
CA VAL A 57 -17.63 20.81 -9.01
C VAL A 57 -17.11 19.53 -8.41
N SER A 58 -15.80 19.32 -8.44
CA SER A 58 -15.20 18.24 -7.68
C SER A 58 -14.22 18.75 -6.63
N TYR A 59 -14.24 18.08 -5.49
CA TYR A 59 -13.22 18.29 -4.46
C TYR A 59 -12.44 16.97 -4.35
N HIS A 60 -11.22 16.99 -4.83
CA HIS A 60 -10.33 15.85 -4.78
C HIS A 60 -9.33 16.08 -3.64
N SER A 61 -9.42 15.23 -2.61
CA SER A 61 -8.46 15.25 -1.50
C SER A 61 -7.30 14.30 -1.73
N VAL A 62 -6.08 14.86 -1.69
CA VAL A 62 -4.87 14.07 -1.78
C VAL A 62 -4.09 14.20 -0.47
N PRO A 63 -4.25 13.22 0.44
CA PRO A 63 -3.45 13.26 1.65
C PRO A 63 -1.98 13.19 1.27
N TYR A 64 -1.13 13.85 2.04
CA TYR A 64 0.27 13.90 1.71
C TYR A 64 0.87 12.51 1.72
N LYS A 65 0.34 11.64 2.56
CA LYS A 65 0.86 10.26 2.67
C LYS A 65 0.61 9.42 1.40
N ALA A 66 -0.25 9.90 0.51
CA ALA A 66 -0.51 9.24 -0.78
C ALA A 66 0.47 9.68 -1.87
N ILE A 67 1.21 10.74 -1.61
CA ILE A 67 2.18 11.26 -2.57
C ILE A 67 3.45 10.45 -2.38
N THR A 68 3.68 9.51 -3.27
CA THR A 68 4.76 8.54 -3.11
C THR A 68 6.11 9.09 -3.55
N HIS A 69 6.07 10.03 -4.48
CA HIS A 69 7.25 10.76 -4.92
C HIS A 69 6.79 11.97 -5.74
N PHE A 70 7.71 12.90 -5.94
CA PHE A 70 7.36 14.12 -6.64
C PHE A 70 8.59 14.72 -7.27
N GLU A 71 8.37 15.60 -8.24
CA GLU A 71 9.43 16.23 -8.98
C GLU A 71 9.10 17.68 -9.37
N VAL A 72 10.10 18.56 -9.30
CA VAL A 72 10.01 19.90 -9.86
C VAL A 72 11.06 20.05 -10.94
N GLU A 73 10.63 20.60 -12.08
CA GLU A 73 11.46 20.83 -13.25
C GLU A 73 11.38 22.32 -13.49
N THR A 74 12.54 22.97 -13.54
CA THR A 74 12.60 24.42 -13.66
C THR A 74 12.22 24.81 -15.09
N ALA A 75 11.70 26.03 -15.27
CA ALA A 75 11.43 26.56 -16.61
C ALA A 75 12.73 26.81 -17.38
N GLY A 76 12.73 26.54 -18.66
CA GLY A 76 13.88 26.87 -19.51
C GLY A 76 14.00 28.36 -19.86
N THR A 77 12.86 29.05 -19.93
CA THR A 77 12.84 30.47 -20.31
C THR A 77 11.90 31.25 -19.37
N PHE A 78 11.97 32.58 -19.42
CA PHE A 78 11.04 33.41 -18.64
C PHE A 78 9.59 33.20 -19.05
N ASP A 79 9.38 32.87 -20.32
CA ASP A 79 8.05 32.66 -20.89
C ASP A 79 7.40 31.37 -20.38
N ASP A 81 6.86 28.22 -17.30
CA ASP A 81 6.77 28.01 -15.85
C ASP A 81 7.41 26.70 -15.43
N ALA A 82 7.87 26.64 -14.18
CA ALA A 82 8.35 25.38 -13.59
C ALA A 82 7.18 24.43 -13.48
N GLU A 83 7.47 23.14 -13.48
CA GLU A 83 6.44 22.10 -13.48
C GLU A 83 6.57 21.23 -12.23
N LEU A 84 5.44 20.98 -11.57
CA LEU A 84 5.38 20.06 -10.44
C LEU A 84 4.67 18.78 -10.90
N LYS A 85 5.33 17.63 -10.70
CA LYS A 85 4.75 16.33 -10.91
C LYS A 85 4.55 15.66 -9.54
N LEU A 86 3.34 15.20 -9.29
CA LEU A 86 3.01 14.49 -8.03
C LEU A 86 2.56 13.10 -8.39
N TRP A 87 3.23 12.08 -7.88
CA TRP A 87 2.77 10.71 -8.10
C TRP A 87 1.91 10.31 -6.95
N ILE A 88 0.70 9.88 -7.26
CA ILE A 88 -0.25 9.45 -6.26
C ILE A 88 -0.33 7.93 -6.28
N SER A 89 -0.22 7.34 -5.10
CA SER A 89 -0.30 5.89 -4.93
C SER A 89 -1.46 5.29 -5.74
N GLY A 90 -1.12 4.33 -6.59
CA GLY A 90 -2.11 3.57 -7.37
C GLY A 90 -2.47 4.19 -8.70
N GLN A 91 -2.02 5.44 -8.92
CA GLN A 91 -2.29 6.15 -10.16
C GLN A 91 -1.01 6.23 -10.99
N LYS A 92 -1.01 5.63 -12.18
CA LYS A 92 0.23 5.39 -12.91
C LYS A 92 0.88 6.67 -13.41
N ASP A 93 0.05 7.56 -13.93
CA ASP A 93 0.52 8.86 -14.40
C ASP A 93 0.46 9.93 -13.31
N PRO A 94 1.47 10.81 -13.26
CA PRO A 94 1.49 11.84 -12.24
C PRO A 94 0.49 12.94 -12.52
N LEU A 95 0.01 13.60 -11.47
CA LEU A 95 -0.70 14.85 -11.59
C LEU A 95 0.35 15.92 -11.88
N VAL A 96 0.24 16.59 -13.03
CA VAL A 96 1.22 17.58 -13.46
C VAL A 96 0.60 19.00 -13.37
N LYS A 97 1.28 19.88 -12.65
CA LYS A 97 0.75 21.22 -12.42
C LYS A 97 1.82 22.27 -12.73
N GLU A 98 1.42 23.30 -13.48
CA GLU A 98 2.32 24.43 -13.75
C GLU A 98 2.41 25.28 -12.52
N LEU A 99 3.64 25.58 -12.12
CA LEU A 99 3.87 26.47 -11.02
C LEU A 99 3.84 27.89 -11.58
N LYS A 100 2.63 28.40 -11.78
CA LYS A 100 2.40 29.65 -12.51
C LYS A 100 2.99 30.85 -11.80
N LYS A 101 3.33 31.87 -12.60
CA LYS A 101 3.78 33.15 -12.05
C LYS A 101 2.74 33.68 -11.05
N GLY A 102 3.24 34.10 -9.90
CA GLY A 102 2.40 34.38 -8.76
C GLY A 102 2.45 33.31 -7.66
N THR A 103 2.94 32.11 -7.95
CA THR A 103 3.04 31.08 -6.91
C THR A 103 4.38 31.23 -6.16
N ASP A 104 4.39 30.84 -4.90
CA ASP A 104 5.65 30.72 -4.15
C ASP A 104 6.23 29.34 -4.49
N VAL A 105 7.05 29.31 -5.53
CA VAL A 105 7.53 28.03 -6.05
C VAL A 105 8.33 27.27 -4.98
N VAL A 106 9.21 27.99 -4.29
CA VAL A 106 10.00 27.40 -3.19
C VAL A 106 9.11 27.05 -1.97
N GLY A 107 8.14 27.90 -1.65
CA GLY A 107 7.22 27.65 -0.52
C GLY A 107 6.30 26.45 -0.73
N ILE A 108 5.77 26.35 -1.95
CA ILE A 108 5.07 25.16 -2.37
C ILE A 108 5.91 23.92 -2.10
N GLN A 109 7.15 23.93 -2.56
CA GLN A 109 8.00 22.75 -2.42
C GLN A 109 8.30 22.47 -0.95
N LYS A 110 8.48 23.53 -0.17
CA LYS A 110 8.81 23.43 1.25
C LYS A 110 7.63 22.84 2.00
N THR A 111 6.42 23.30 1.66
CA THR A 111 5.18 22.77 2.25
C THR A 111 4.99 21.30 1.97
N ILE A 112 5.24 20.88 0.73
CA ILE A 112 5.14 19.46 0.41
C ILE A 112 6.14 18.66 1.20
N ALA A 113 7.35 19.18 1.32
CA ALA A 113 8.36 18.51 2.09
C ALA A 113 7.98 18.48 3.57
N ASN A 114 7.51 19.61 4.12
CA ASN A 114 7.07 19.66 5.53
C ASN A 114 5.99 18.66 5.87
N PHE A 115 5.04 18.48 4.97
CA PHE A 115 3.87 17.63 5.30
C PHE A 115 3.96 16.24 4.71
N SER A 116 4.80 16.01 3.70
CA SER A 116 4.78 14.69 3.06
C SER A 116 5.98 13.77 3.34
N LEU A 117 7.00 14.27 4.02
CA LEU A 117 8.26 13.52 4.18
C LEU A 117 8.43 12.98 5.59
N ALA B 5 -27.31 13.32 15.69
CA ALA B 5 -27.05 11.89 15.26
C ALA B 5 -28.27 11.29 14.51
N GLU B 6 -28.02 10.72 13.34
CA GLU B 6 -29.09 10.18 12.49
C GLU B 6 -29.79 8.98 13.13
N VAL B 7 -28.99 8.15 13.77
CA VAL B 7 -29.40 6.84 14.19
C VAL B 7 -28.98 6.64 15.65
N ASN B 8 -29.68 5.74 16.32
CA ASN B 8 -29.36 5.37 17.67
C ASN B 8 -28.12 4.45 17.68
N LEU B 9 -26.98 5.02 18.07
CA LEU B 9 -25.74 4.28 17.99
C LEU B 9 -25.64 3.15 19.01
N ASP B 10 -26.27 3.28 20.17
CA ASP B 10 -26.32 2.18 21.14
C ASP B 10 -27.04 0.95 20.55
N GLU B 11 -28.18 1.17 19.92
CA GLU B 11 -28.89 0.11 19.16
C GLU B 11 -28.05 -0.46 18.05
N LEU B 12 -27.48 0.42 17.24
CA LEU B 12 -26.66 -0.03 16.11
C LEU B 12 -25.47 -0.87 16.60
N ALA B 13 -24.85 -0.47 17.70
CA ALA B 13 -23.71 -1.20 18.25
C ALA B 13 -24.12 -2.61 18.66
N GLN B 14 -25.32 -2.75 19.23
CA GLN B 14 -25.86 -4.07 19.57
CA GLN B 14 -25.80 -4.08 19.58
C GLN B 14 -26.07 -4.91 18.32
N GLU B 15 -26.60 -4.29 17.26
CA GLU B 15 -26.87 -5.00 16.01
C GLU B 15 -25.62 -5.46 15.26
N LEU B 16 -24.62 -4.58 15.16
CA LEU B 16 -23.37 -4.87 14.48
C LEU B 16 -22.34 -5.65 15.33
N GLY B 17 -22.44 -5.56 16.64
CA GLY B 17 -21.49 -6.22 17.56
C GLY B 17 -20.96 -7.57 17.13
N PRO B 18 -21.84 -8.49 16.74
CA PRO B 18 -21.35 -9.81 16.30
C PRO B 18 -20.30 -9.83 15.17
N ILE B 19 -20.27 -8.81 14.32
CA ILE B 19 -19.27 -8.77 13.24
C ILE B 19 -18.18 -7.71 13.44
N GLY B 21 -14.85 -6.09 15.74
CA GLY B 21 -13.69 -6.51 16.53
C GLY B 21 -13.88 -6.26 18.00
N ASP B 22 -13.19 -7.07 18.81
CA ASP B 22 -13.25 -6.94 20.26
C ASP B 22 -12.89 -5.56 20.77
N ASN B 23 -11.98 -4.86 20.12
CA ASN B 23 -11.63 -3.50 20.52
C ASN B 23 -12.07 -2.45 19.46
N GLU B 24 -13.14 -2.78 18.74
CA GLU B 24 -13.74 -1.88 17.76
C GLU B 24 -14.97 -1.25 18.35
N GLN B 25 -15.17 0.04 18.09
CA GLN B 25 -16.38 0.69 18.53
C GLN B 25 -16.93 1.61 17.48
N LEU B 26 -18.25 1.78 17.48
CA LEU B 26 -18.92 2.66 16.52
C LEU B 26 -18.62 4.10 16.84
N ALA B 27 -18.44 4.93 15.82
CA ALA B 27 -18.27 6.37 16.04
C ALA B 27 -19.51 7.15 15.56
N LEU B 28 -19.86 7.00 14.27
CA LEU B 28 -20.96 7.74 13.63
C LEU B 28 -21.60 6.88 12.53
N ALA B 29 -22.86 7.13 12.20
CA ALA B 29 -23.50 6.45 11.05
C ALA B 29 -24.35 7.47 10.33
N TYR B 30 -24.50 7.30 9.02
CA TYR B 30 -25.30 8.17 8.17
C TYR B 30 -26.19 7.31 7.28
N ARG B 31 -27.47 7.67 7.21
CA ARG B 31 -28.36 7.11 6.21
C ARG B 31 -28.13 7.72 4.83
N VAL B 32 -28.08 6.84 3.85
CA VAL B 32 -27.94 7.18 2.45
C VAL B 32 -29.14 6.55 1.76
N ILE B 33 -30.26 7.25 1.86
CA ILE B 33 -31.59 6.73 1.57
C ILE B 33 -31.77 5.46 2.41
N ARG B 34 -31.91 4.28 1.78
CA ARG B 34 -32.03 2.99 2.48
C ARG B 34 -30.69 2.35 2.87
N ASP B 35 -29.61 2.83 2.28
CA ASP B 35 -28.28 2.37 2.62
C ASP B 35 -27.71 3.12 3.83
N PHE B 37 -23.85 4.35 5.82
CA PHE B 37 -22.42 4.48 6.02
C PHE B 37 -22.16 4.40 7.52
N VAL B 38 -21.47 3.35 7.97
CA VAL B 38 -21.17 3.19 9.40
C VAL B 38 -19.67 3.41 9.65
N PHE B 39 -19.35 4.40 10.47
CA PHE B 39 -17.95 4.75 10.78
C PHE B 39 -17.57 4.24 12.17
N THR B 40 -16.63 3.31 12.22
CA THR B 40 -16.14 2.76 13.48
C THR B 40 -14.79 3.45 13.76
N ASN B 41 -14.09 3.01 14.79
CA ASN B 41 -12.75 3.50 15.06
C ASN B 41 -11.69 2.91 14.09
N LYS B 42 -12.08 1.94 13.28
CA LYS B 42 -11.17 1.25 12.36
C LYS B 42 -11.57 1.23 10.88
N ARG B 43 -12.85 1.33 10.55
CA ARG B 43 -13.24 1.18 9.16
C ARG B 43 -14.54 1.88 8.89
N LEU B 44 -14.77 2.14 7.60
CA LEU B 44 -16.07 2.51 7.11
C LEU B 44 -16.74 1.22 6.65
N ILE B 45 -17.96 0.96 7.14
CA ILE B 45 -18.78 -0.11 6.62
C ILE B 45 -19.93 0.49 5.81
N LEU B 46 -19.97 0.14 4.53
CA LEU B 46 -21.07 0.52 3.65
CA LEU B 46 -21.07 0.53 3.66
C LEU B 46 -22.09 -0.61 3.67
N ILE B 47 -23.28 -0.34 4.20
CA ILE B 47 -24.36 -1.33 4.25
C ILE B 47 -25.35 -0.98 3.15
N ASP B 48 -25.42 -1.83 2.13
CA ASP B 48 -26.19 -1.56 0.94
C ASP B 48 -27.23 -2.65 0.78
N LYS B 49 -28.46 -2.23 0.49
CA LYS B 49 -29.56 -3.14 0.20
C LYS B 49 -30.00 -3.05 -1.26
N GLN B 50 -30.35 -4.19 -1.85
CA GLN B 50 -30.74 -4.29 -3.25
CA GLN B 50 -30.75 -4.26 -3.25
C GLN B 50 -32.12 -4.92 -3.37
N GLY B 51 -32.90 -4.45 -4.35
CA GLY B 51 -34.21 -5.03 -4.67
C GLY B 51 -35.31 -4.28 -3.94
N VAL B 52 -36.55 -4.46 -4.36
CA VAL B 52 -37.65 -3.75 -3.71
C VAL B 52 -37.82 -4.16 -2.27
N THR B 53 -37.43 -5.38 -1.91
CA THR B 53 -37.58 -5.85 -0.52
C THR B 53 -36.37 -5.51 0.30
N GLY B 54 -35.24 -5.26 -0.36
CA GLY B 54 -33.98 -5.06 0.31
C GLY B 54 -33.46 -6.30 0.99
N LYS B 55 -33.82 -7.47 0.48
CA LYS B 55 -33.42 -8.73 1.08
C LYS B 55 -31.95 -9.03 0.81
N LYS B 56 -31.43 -8.53 -0.30
CA LYS B 56 -30.02 -8.74 -0.67
C LYS B 56 -29.15 -7.62 -0.04
N VAL B 57 -28.33 -7.97 0.94
CA VAL B 57 -27.62 -6.98 1.73
C VAL B 57 -26.13 -7.24 1.64
N SER B 58 -25.36 -6.18 1.45
CA SER B 58 -23.91 -6.27 1.51
CA SER B 58 -23.90 -6.22 1.47
C SER B 58 -23.36 -5.34 2.59
N TYR B 59 -22.37 -5.86 3.31
CA TYR B 59 -21.55 -5.13 4.27
C TYR B 59 -20.12 -5.06 3.71
N HIS B 60 -19.71 -3.87 3.25
CA HIS B 60 -18.44 -3.68 2.58
C HIS B 60 -17.60 -2.83 3.52
N SER B 61 -16.54 -3.42 4.02
CA SER B 61 -15.61 -2.78 4.97
C SER B 61 -14.37 -2.20 4.28
N VAL B 62 -14.14 -0.92 4.52
CA VAL B 62 -12.94 -0.24 4.04
C VAL B 62 -12.20 0.34 5.24
N PRO B 63 -11.12 -0.34 5.68
CA PRO B 63 -10.29 0.14 6.79
C PRO B 63 -9.68 1.48 6.42
N TYR B 64 -9.68 2.40 7.35
CA TYR B 64 -9.19 3.75 7.08
C TYR B 64 -7.75 3.77 6.60
N LYS B 65 -6.93 2.87 7.12
CA LYS B 65 -5.52 2.74 6.73
C LYS B 65 -5.35 2.36 5.24
N ALA B 66 -6.41 1.85 4.60
CA ALA B 66 -6.38 1.46 3.21
C ALA B 66 -6.83 2.53 2.24
N ILE B 67 -7.39 3.64 2.73
CA ILE B 67 -7.85 4.72 1.86
C ILE B 67 -6.65 5.54 1.45
N THR B 68 -6.40 5.65 0.15
CA THR B 68 -5.24 6.42 -0.31
C THR B 68 -5.61 7.86 -0.61
N HIS B 69 -6.66 8.05 -1.41
CA HIS B 69 -7.18 9.40 -1.67
C HIS B 69 -8.68 9.31 -1.92
N PHE B 70 -9.37 10.44 -1.97
CA PHE B 70 -10.81 10.46 -2.19
C PHE B 70 -11.31 11.74 -2.80
N GLU B 71 -12.51 11.67 -3.34
CA GLU B 71 -13.10 12.76 -4.06
C GLU B 71 -14.61 12.75 -3.92
N VAL B 72 -15.19 13.94 -3.81
CA VAL B 72 -16.61 14.14 -3.88
C VAL B 72 -16.88 15.13 -5.01
N GLU B 73 -17.81 14.77 -5.87
CA GLU B 73 -18.15 15.55 -7.03
C GLU B 73 -19.66 15.67 -7.07
N THR B 74 -20.15 16.80 -7.56
CA THR B 74 -21.59 16.96 -7.84
C THR B 74 -22.03 15.98 -8.94
N ALA B 75 -23.30 15.58 -8.91
CA ALA B 75 -23.83 14.59 -9.86
C ALA B 75 -25.31 14.82 -10.04
N GLY B 76 -25.86 14.13 -11.04
CA GLY B 76 -27.27 14.10 -11.30
C GLY B 76 -27.76 15.34 -11.99
N THR B 77 -29.07 15.37 -12.15
CA THR B 77 -29.78 16.50 -12.73
C THR B 77 -29.54 17.77 -11.92
N PHE B 78 -29.07 18.80 -12.62
CA PHE B 78 -28.73 20.10 -12.03
C PHE B 78 -27.74 20.01 -10.82
N ASP B 79 -26.90 18.98 -10.81
CA ASP B 79 -25.83 18.85 -9.80
C ASP B 79 -26.34 18.84 -8.35
N ASP B 81 -27.23 16.01 -6.63
CA ASP B 81 -26.70 14.81 -5.99
C ASP B 81 -25.18 14.92 -5.86
N ALA B 82 -24.54 13.90 -5.29
CA ALA B 82 -23.09 13.84 -5.19
C ALA B 82 -22.62 12.42 -5.43
N GLU B 83 -21.35 12.29 -5.74
CA GLU B 83 -20.74 11.00 -5.93
C GLU B 83 -19.46 11.00 -5.13
N LEU B 84 -19.32 10.00 -4.28
CA LEU B 84 -18.09 9.80 -3.51
C LEU B 84 -17.27 8.73 -4.20
N LYS B 85 -15.97 9.02 -4.37
CA LYS B 85 -14.96 8.07 -4.82
C LYS B 85 -13.91 7.86 -3.75
N LEU B 86 -13.71 6.60 -3.36
CA LEU B 86 -12.68 6.22 -2.44
C LEU B 86 -11.71 5.34 -3.18
N TRP B 87 -10.47 5.79 -3.28
CA TRP B 87 -9.39 5.00 -3.85
C TRP B 87 -8.74 4.23 -2.71
N ILE B 88 -8.32 3.01 -3.01
CA ILE B 88 -7.91 2.08 -2.03
C ILE B 88 -6.54 1.53 -2.36
N SER B 89 -5.73 1.39 -1.33
CA SER B 89 -4.37 0.90 -1.47
C SER B 89 -4.33 -0.37 -2.33
N GLY B 90 -3.46 -0.38 -3.33
CA GLY B 90 -3.22 -1.57 -4.15
C GLY B 90 -4.15 -1.82 -5.31
N GLN B 91 -5.05 -0.89 -5.60
CA GLN B 91 -5.89 -0.96 -6.77
C GLN B 91 -6.11 0.42 -7.44
N LYS B 92 -6.28 0.36 -8.74
CA LYS B 92 -6.38 1.52 -9.61
C LYS B 92 -7.74 2.20 -9.50
N ASP B 93 -8.81 1.40 -9.49
CA ASP B 93 -10.16 1.92 -9.59
C ASP B 93 -10.75 2.21 -8.22
N PRO B 94 -11.48 3.33 -8.08
CA PRO B 94 -12.07 3.68 -6.81
C PRO B 94 -13.36 2.91 -6.53
N LEU B 95 -13.69 2.77 -5.24
CA LEU B 95 -15.04 2.47 -4.82
C LEU B 95 -15.89 3.74 -4.99
N VAL B 96 -16.96 3.64 -5.77
CA VAL B 96 -17.84 4.78 -6.10
C VAL B 96 -19.17 4.58 -5.42
N LYS B 97 -19.64 5.59 -4.70
CA LYS B 97 -20.97 5.54 -4.09
C LYS B 97 -21.74 6.81 -4.43
N GLU B 98 -22.92 6.62 -5.02
CA GLU B 98 -23.81 7.75 -5.34
CA GLU B 98 -23.84 7.73 -5.33
C GLU B 98 -24.52 8.22 -4.05
N LEU B 99 -24.46 9.52 -3.77
CA LEU B 99 -25.09 10.10 -2.57
C LEU B 99 -26.20 11.07 -3.00
N LYS B 100 -27.43 10.59 -3.01
CA LYS B 100 -28.55 11.37 -3.50
C LYS B 100 -28.95 12.45 -2.52
N LYS B 101 -29.55 13.52 -3.04
CA LYS B 101 -29.96 14.70 -2.23
C LYS B 101 -30.80 14.28 -1.02
N GLY B 102 -30.56 14.91 0.13
CA GLY B 102 -31.08 14.41 1.40
C GLY B 102 -30.00 13.78 2.27
N THR B 103 -28.99 13.17 1.62
CA THR B 103 -27.87 12.61 2.36
C THR B 103 -27.04 13.75 2.96
N ASP B 104 -26.44 13.53 4.12
CA ASP B 104 -25.54 14.51 4.73
C ASP B 104 -24.16 14.37 4.10
N VAL B 105 -24.02 14.90 2.90
CA VAL B 105 -22.81 14.77 2.10
C VAL B 105 -21.68 15.53 2.79
N VAL B 106 -21.99 16.72 3.31
CA VAL B 106 -21.00 17.52 4.05
C VAL B 106 -20.48 16.76 5.29
N GLY B 107 -21.37 16.19 6.09
CA GLY B 107 -20.96 15.44 7.26
C GLY B 107 -20.07 14.25 6.93
N ILE B 108 -20.47 13.51 5.90
CA ILE B 108 -19.74 12.35 5.49
C ILE B 108 -18.29 12.74 5.12
N GLN B 109 -18.16 13.85 4.40
CA GLN B 109 -16.84 14.37 4.03
C GLN B 109 -16.01 14.73 5.21
N LYS B 110 -16.58 15.44 6.16
CA LYS B 110 -15.84 15.79 7.39
C LYS B 110 -15.39 14.53 8.14
N THR B 111 -16.24 13.53 8.19
CA THR B 111 -15.95 12.34 8.98
C THR B 111 -14.84 11.54 8.31
N ILE B 112 -14.89 11.42 6.98
CA ILE B 112 -13.79 10.80 6.23
C ILE B 112 -12.47 11.51 6.52
N ALA B 113 -12.48 12.84 6.50
CA ALA B 113 -11.30 13.67 6.83
C ALA B 113 -10.82 13.33 8.21
N ASN B 114 -11.75 13.28 9.16
CA ASN B 114 -11.39 13.03 10.53
C ASN B 114 -10.74 11.67 10.74
N PHE B 115 -11.21 10.65 10.01
CA PHE B 115 -10.73 9.28 10.20
C PHE B 115 -9.66 8.80 9.25
N SER B 116 -9.44 9.49 8.15
CA SER B 116 -8.50 9.01 7.16
C SER B 116 -7.27 9.90 6.96
N LEU B 117 -7.21 11.08 7.57
CA LEU B 117 -6.11 12.00 7.33
C LEU B 117 -5.15 12.05 8.49
N ASN C 3 -21.01 -27.22 0.57
CA ASN C 3 -20.88 -27.91 1.89
C ASN C 3 -19.45 -27.86 2.45
N ALA C 4 -19.22 -27.04 3.50
CA ALA C 4 -17.91 -26.95 4.16
C ALA C 4 -17.89 -27.74 5.46
N ALA C 5 -16.75 -28.35 5.78
CA ALA C 5 -16.56 -29.03 7.04
C ALA C 5 -15.63 -28.22 7.90
N GLU C 6 -15.87 -28.23 9.22
CA GLU C 6 -14.95 -27.55 10.13
CA GLU C 6 -15.01 -27.61 10.23
C GLU C 6 -13.77 -28.49 10.37
N VAL C 7 -12.60 -27.88 10.61
CA VAL C 7 -11.34 -28.63 10.70
C VAL C 7 -10.81 -28.55 12.12
N ASN C 8 -10.36 -29.69 12.65
CA ASN C 8 -9.79 -29.76 14.00
C ASN C 8 -8.45 -29.08 14.02
N LEU C 9 -8.34 -28.07 14.86
CA LEU C 9 -7.17 -27.19 14.87
C LEU C 9 -5.95 -27.77 15.57
N ASP C 10 -6.13 -28.66 16.54
CA ASP C 10 -4.96 -29.32 17.17
C ASP C 10 -4.27 -30.18 16.14
N GLU C 11 -5.09 -30.91 15.37
CA GLU C 11 -4.59 -31.75 14.28
C GLU C 11 -3.93 -30.92 13.20
N LEU C 12 -4.59 -29.84 12.79
CA LEU C 12 -4.04 -28.98 11.74
C LEU C 12 -2.73 -28.30 12.15
N ALA C 13 -2.65 -27.81 13.40
CA ALA C 13 -1.41 -27.24 13.94
C ALA C 13 -0.23 -28.24 13.83
N GLN C 14 -0.48 -29.52 14.06
CA GLN C 14 0.55 -30.53 13.91
CA GLN C 14 0.56 -30.52 13.91
C GLN C 14 0.97 -30.63 12.44
N GLU C 15 -0.01 -30.61 11.55
CA GLU C 15 0.25 -30.67 10.12
C GLU C 15 1.02 -29.44 9.60
N LEU C 16 0.52 -28.24 9.91
CA LEU C 16 1.10 -27.00 9.40
C LEU C 16 2.28 -26.43 10.20
N GLY C 17 2.51 -26.99 11.39
CA GLY C 17 3.52 -26.50 12.34
C GLY C 17 4.86 -26.15 11.74
N PRO C 18 5.40 -26.99 10.86
CA PRO C 18 6.68 -26.63 10.29
C PRO C 18 6.73 -25.36 9.42
N ILE C 19 5.60 -24.87 8.89
CA ILE C 19 5.63 -23.61 8.11
C ILE C 19 5.02 -22.43 8.86
N GLY C 21 4.78 -19.56 11.90
CA GLY C 21 5.66 -18.70 12.65
C GLY C 21 5.72 -19.23 14.07
N ASP C 22 6.84 -19.01 14.73
CA ASP C 22 7.00 -19.45 16.11
C ASP C 22 5.90 -18.91 17.03
N ASN C 23 5.40 -17.72 16.70
CA ASN C 23 4.39 -17.00 17.50
CA ASN C 23 4.37 -17.04 17.54
C ASN C 23 2.97 -17.00 16.89
N GLU C 24 2.71 -17.91 15.98
CA GLU C 24 1.44 -17.94 15.26
C GLU C 24 0.51 -19.02 15.80
N GLN C 25 -0.80 -18.77 15.79
CA GLN C 25 -1.79 -19.76 16.22
CA GLN C 25 -1.77 -19.79 16.19
C GLN C 25 -2.98 -19.84 15.26
N LEU C 26 -3.53 -21.04 15.15
CA LEU C 26 -4.66 -21.27 14.29
C LEU C 26 -5.93 -20.77 14.98
N ALA C 27 -6.80 -20.11 14.22
CA ALA C 27 -8.01 -19.56 14.77
C ALA C 27 -9.22 -20.33 14.26
N LEU C 28 -9.26 -20.67 12.99
CA LEU C 28 -10.46 -21.23 12.37
C LEU C 28 -10.09 -21.83 11.01
N ALA C 29 -10.71 -22.94 10.63
CA ALA C 29 -10.39 -23.59 9.36
C ALA C 29 -11.52 -24.41 8.76
N TYR C 30 -11.66 -24.35 7.45
CA TYR C 30 -12.72 -25.05 6.75
C TYR C 30 -12.13 -25.91 5.66
N ARG C 31 -12.73 -27.08 5.43
CA ARG C 31 -12.29 -27.94 4.37
CA ARG C 31 -12.30 -27.99 4.39
C ARG C 31 -13.42 -28.23 3.38
N VAL C 32 -13.11 -28.15 2.10
CA VAL C 32 -14.03 -28.51 1.05
C VAL C 32 -13.23 -29.44 0.13
N ILE C 33 -13.67 -30.69 0.04
CA ILE C 33 -12.91 -31.80 -0.55
C ILE C 33 -11.54 -31.92 0.15
N ARG C 34 -10.43 -31.59 -0.51
CA ARG C 34 -9.16 -31.51 0.23
C ARG C 34 -8.60 -30.10 0.34
N ASP C 35 -9.34 -29.11 -0.16
CA ASP C 35 -8.88 -27.74 -0.04
C ASP C 35 -9.23 -27.22 1.33
N PHE C 37 -9.34 -23.50 3.83
CA PHE C 37 -9.26 -22.09 4.07
C PHE C 37 -8.99 -21.96 5.55
N VAL C 38 -7.77 -21.50 5.87
CA VAL C 38 -7.25 -21.46 7.26
C VAL C 38 -7.10 -19.99 7.70
N PHE C 39 -7.74 -19.63 8.81
CA PHE C 39 -7.49 -18.34 9.48
C PHE C 39 -6.51 -18.63 10.63
N THR C 40 -5.36 -17.97 10.62
CA THR C 40 -4.47 -17.93 11.76
C THR C 40 -4.59 -16.52 12.33
N ASN C 41 -3.87 -16.25 13.41
CA ASN C 41 -3.85 -14.92 13.98
C ASN C 41 -2.97 -13.97 13.16
N LYS C 42 -2.21 -14.47 12.17
CA LYS C 42 -1.31 -13.63 11.36
C LYS C 42 -1.68 -13.57 9.87
N ARG C 43 -2.40 -14.58 9.38
CA ARG C 43 -2.66 -14.66 7.95
C ARG C 43 -3.81 -15.63 7.65
N LEU C 44 -4.32 -15.51 6.43
CA LEU C 44 -5.06 -16.60 5.82
C LEU C 44 -4.08 -17.52 5.15
N ILE C 45 -4.31 -18.83 5.23
CA ILE C 45 -3.61 -19.79 4.36
C ILE C 45 -4.62 -20.52 3.49
N LEU C 46 -4.49 -20.35 2.18
CA LEU C 46 -5.35 -20.99 1.21
CA LEU C 46 -5.35 -21.00 1.22
C LEU C 46 -4.61 -22.20 0.70
N ILE C 47 -5.16 -23.38 0.97
CA ILE C 47 -4.52 -24.63 0.64
C ILE C 47 -5.31 -25.28 -0.48
N ASP C 48 -4.66 -25.46 -1.62
CA ASP C 48 -5.34 -25.99 -2.77
C ASP C 48 -4.63 -27.26 -3.22
N LYS C 49 -5.36 -28.36 -3.23
CA LYS C 49 -4.84 -29.64 -3.70
C LYS C 49 -5.72 -30.02 -4.85
N GLN C 50 -5.15 -30.57 -5.93
CA GLN C 50 -5.99 -30.98 -7.04
C GLN C 50 -6.70 -32.28 -6.69
N GLY C 51 -8.00 -32.18 -6.43
CA GLY C 51 -8.84 -33.35 -6.29
C GLY C 51 -8.64 -34.07 -4.97
N VAL C 52 -8.80 -35.39 -4.99
CA VAL C 52 -8.83 -36.18 -3.77
C VAL C 52 -7.49 -36.83 -3.45
N THR C 53 -6.65 -36.97 -4.47
CA THR C 53 -5.30 -37.51 -4.24
C THR C 53 -4.23 -36.79 -5.05
N GLY C 54 -4.63 -35.80 -5.87
CA GLY C 54 -3.66 -35.12 -6.74
C GLY C 54 -2.47 -34.64 -5.94
N LYS C 55 -1.27 -35.07 -6.28
CA LYS C 55 -0.12 -34.94 -5.35
C LYS C 55 0.37 -33.47 -5.11
N LYS C 56 0.10 -32.62 -6.10
CA LYS C 56 0.50 -31.24 -6.02
C LYS C 56 -0.39 -30.43 -5.09
N VAL C 57 0.22 -29.50 -4.41
CA VAL C 57 -0.46 -28.70 -3.39
CA VAL C 57 -0.47 -28.67 -3.42
C VAL C 57 0.10 -27.28 -3.46
N SER C 58 -0.77 -26.30 -3.19
CA SER C 58 -0.42 -24.93 -3.10
C SER C 58 -0.80 -24.43 -1.70
N TYR C 59 0.16 -23.77 -1.06
CA TYR C 59 -0.06 -23.05 0.22
C TYR C 59 0.11 -21.57 -0.04
N HIS C 60 -1.01 -20.85 -0.22
CA HIS C 60 -0.94 -19.43 -0.46
C HIS C 60 -1.24 -18.67 0.85
N SER C 61 -0.25 -17.93 1.33
CA SER C 61 -0.36 -17.14 2.55
C SER C 61 -0.71 -15.70 2.26
N VAL C 62 -1.77 -15.22 2.91
CA VAL C 62 -2.22 -13.85 2.72
C VAL C 62 -2.21 -13.22 4.09
N PRO C 63 -1.13 -12.49 4.42
CA PRO C 63 -1.12 -11.78 5.70
C PRO C 63 -2.30 -10.81 5.75
N TYR C 64 -2.86 -10.59 6.94
CA TYR C 64 -4.08 -9.79 7.04
C TYR C 64 -3.86 -8.37 6.55
N LYS C 65 -2.65 -7.87 6.80
CA LYS C 65 -2.18 -6.57 6.31
C LYS C 65 -2.35 -6.37 4.79
N ALA C 66 -2.36 -7.47 4.01
CA ALA C 66 -2.54 -7.37 2.56
C ALA C 66 -4.01 -7.31 2.10
N ILE C 67 -4.93 -7.55 3.02
CA ILE C 67 -6.35 -7.45 2.75
C ILE C 67 -6.77 -5.98 2.88
N THR C 68 -7.01 -5.35 1.74
CA THR C 68 -7.20 -3.90 1.70
C THR C 68 -8.65 -3.50 1.96
N HIS C 69 -9.59 -4.36 1.61
CA HIS C 69 -10.98 -4.21 1.91
C HIS C 69 -11.65 -5.56 1.70
N PHE C 70 -12.85 -5.71 2.26
CA PHE C 70 -13.56 -6.99 2.18
C PHE C 70 -15.06 -6.77 2.33
N GLU C 71 -15.82 -7.76 1.87
CA GLU C 71 -17.25 -7.61 1.75
C GLU C 71 -17.95 -8.92 1.99
N VAL C 72 -19.05 -8.90 2.74
CA VAL C 72 -19.92 -10.06 2.80
C VAL C 72 -21.29 -9.62 2.26
N GLU C 73 -21.77 -10.37 1.25
CA GLU C 73 -23.09 -10.17 0.67
C GLU C 73 -23.93 -11.42 0.86
N THR C 74 -25.17 -11.24 1.32
CA THR C 74 -26.11 -12.34 1.56
C THR C 74 -27.31 -12.27 0.61
N ALA C 75 -27.75 -13.45 0.15
CA ALA C 75 -28.82 -13.60 -0.87
C ALA C 75 -30.19 -13.09 -0.40
N GLY C 76 -30.54 -13.41 0.84
CA GLY C 76 -31.85 -13.06 1.32
C GLY C 76 -31.97 -12.76 2.80
N THR C 77 -33.21 -12.48 3.17
CA THR C 77 -33.60 -12.29 4.54
C THR C 77 -33.60 -13.66 5.26
N PHE C 78 -34.15 -14.69 4.59
CA PHE C 78 -34.20 -16.07 5.09
C PHE C 78 -33.29 -17.05 4.32
N ASP C 79 -32.86 -16.68 3.13
CA ASP C 79 -31.94 -17.47 2.33
C ASP C 79 -30.54 -17.00 2.71
N ASP C 81 -27.45 -18.12 2.07
CA ASP C 81 -26.22 -18.24 1.30
C ASP C 81 -25.56 -16.87 1.28
N ALA C 82 -24.23 -16.86 1.24
CA ALA C 82 -23.46 -15.65 1.33
C ALA C 82 -22.16 -15.82 0.59
N GLU C 83 -21.60 -14.70 0.19
CA GLU C 83 -20.29 -14.66 -0.49
C GLU C 83 -19.41 -13.73 0.28
N LEU C 84 -18.20 -14.20 0.58
CA LEU C 84 -17.12 -13.34 1.12
C LEU C 84 -16.24 -12.92 -0.04
N LYS C 85 -15.97 -11.62 -0.15
CA LYS C 85 -15.00 -11.11 -1.11
C LYS C 85 -13.87 -10.48 -0.31
N LEU C 86 -12.65 -10.83 -0.70
CA LEU C 86 -11.44 -10.33 -0.08
C LEU C 86 -10.58 -9.71 -1.17
N TRP C 87 -10.28 -8.42 -1.05
CA TRP C 87 -9.36 -7.79 -1.95
C TRP C 87 -7.96 -7.81 -1.37
N ILE C 88 -7.04 -8.36 -2.17
CA ILE C 88 -5.63 -8.49 -1.82
CA ILE C 88 -5.63 -8.46 -1.80
C ILE C 88 -4.83 -7.39 -2.53
N SER C 89 -3.99 -6.69 -1.80
CA SER C 89 -3.22 -5.63 -2.40
C SER C 89 -2.49 -6.08 -3.68
N GLY C 90 -2.72 -5.30 -4.73
CA GLY C 90 -2.09 -5.46 -6.02
C GLY C 90 -2.75 -6.46 -6.93
N GLN C 91 -3.76 -7.18 -6.44
CA GLN C 91 -4.54 -8.12 -7.28
C GLN C 91 -5.89 -7.50 -7.63
N LYS C 92 -6.15 -7.32 -8.92
CA LYS C 92 -7.32 -6.56 -9.36
C LYS C 92 -8.63 -7.22 -8.93
N ASP C 93 -8.72 -8.52 -9.15
CA ASP C 93 -9.92 -9.27 -8.81
C ASP C 93 -9.90 -9.77 -7.36
N PRO C 94 -11.05 -9.69 -6.65
CA PRO C 94 -11.12 -10.21 -5.31
C PRO C 94 -11.17 -11.71 -5.29
N LEU C 95 -10.70 -12.27 -4.21
CA LEU C 95 -10.91 -13.66 -3.92
C LEU C 95 -12.38 -13.78 -3.45
N VAL C 96 -13.13 -14.69 -4.06
CA VAL C 96 -14.54 -14.86 -3.75
C VAL C 96 -14.74 -16.23 -3.15
N LYS C 97 -15.19 -16.29 -1.91
CA LYS C 97 -15.45 -17.54 -1.24
C LYS C 97 -16.96 -17.65 -0.98
N GLU C 98 -17.55 -18.73 -1.46
CA GLU C 98 -18.94 -19.02 -1.23
C GLU C 98 -19.07 -19.54 0.16
N LEU C 99 -20.01 -18.97 0.90
CA LEU C 99 -20.26 -19.43 2.26
C LEU C 99 -21.64 -20.13 2.32
N LYS C 100 -21.60 -21.43 2.23
CA LYS C 100 -22.84 -22.19 2.33
C LYS C 100 -22.74 -23.10 3.57
N LYS C 101 -23.45 -24.23 3.54
CA LYS C 101 -23.66 -25.03 4.73
C LYS C 101 -22.36 -25.44 5.42
N GLY C 102 -22.34 -25.27 6.74
CA GLY C 102 -21.23 -25.72 7.56
C GLY C 102 -20.31 -24.58 7.96
N THR C 103 -20.43 -23.43 7.28
CA THR C 103 -19.66 -22.24 7.61
C THR C 103 -20.38 -21.38 8.66
N ASP C 104 -19.59 -20.74 9.50
CA ASP C 104 -20.10 -19.80 10.50
C ASP C 104 -19.82 -18.38 9.93
N VAL C 105 -20.83 -17.78 9.28
CA VAL C 105 -20.62 -16.53 8.53
C VAL C 105 -20.32 -15.39 9.49
N VAL C 106 -21.04 -15.33 10.62
CA VAL C 106 -20.74 -14.36 11.67
C VAL C 106 -19.29 -14.50 12.20
N GLY C 107 -18.89 -15.73 12.53
CA GLY C 107 -17.56 -15.99 13.10
C GLY C 107 -16.41 -15.65 12.16
N ILE C 108 -16.60 -15.89 10.88
CA ILE C 108 -15.66 -15.53 9.83
C ILE C 108 -15.47 -14.01 9.83
N GLN C 109 -16.59 -13.30 9.88
CA GLN C 109 -16.56 -11.85 9.88
C GLN C 109 -15.90 -11.32 11.14
N LYS C 110 -16.21 -11.94 12.27
CA LYS C 110 -15.61 -11.57 13.57
C LYS C 110 -14.07 -11.74 13.55
N THR C 111 -13.66 -12.89 13.03
CA THR C 111 -12.27 -13.28 12.86
C THR C 111 -11.49 -12.30 12.00
N ILE C 112 -12.02 -11.96 10.83
CA ILE C 112 -11.42 -10.96 9.96
C ILE C 112 -11.33 -9.60 10.67
N ALA C 113 -12.38 -9.18 11.33
CA ALA C 113 -12.34 -7.90 12.05
C ALA C 113 -11.27 -7.89 13.17
N ASN C 114 -11.23 -8.96 13.96
CA ASN C 114 -10.25 -9.09 15.01
C ASN C 114 -8.81 -9.05 14.52
N PHE C 115 -8.50 -9.72 13.44
CA PHE C 115 -7.12 -9.82 13.01
C PHE C 115 -6.68 -8.91 11.90
N SER C 116 -7.61 -8.31 11.13
CA SER C 116 -7.21 -7.46 10.01
CA SER C 116 -7.22 -7.45 10.00
C SER C 116 -7.29 -5.96 10.32
N LEU C 117 -8.04 -5.57 11.32
CA LEU C 117 -8.33 -4.17 11.49
C LEU C 117 -7.40 -3.50 12.50
N ALA D 5 26.57 -27.62 2.34
CA ALA D 5 25.26 -26.94 2.13
C ALA D 5 25.01 -25.79 3.13
N GLU D 6 25.53 -25.94 4.36
CA GLU D 6 25.27 -24.94 5.43
C GLU D 6 26.08 -23.64 5.18
N VAL D 7 25.46 -22.47 5.36
CA VAL D 7 26.14 -21.19 5.08
C VAL D 7 26.93 -20.74 6.33
N ASN D 8 28.22 -20.44 6.17
CA ASN D 8 28.99 -19.84 7.26
C ASN D 8 28.66 -18.36 7.32
N LEU D 9 27.97 -17.94 8.36
CA LEU D 9 27.44 -16.59 8.44
C LEU D 9 28.48 -15.56 8.81
N ASP D 10 29.49 -15.98 9.57
CA ASP D 10 30.60 -15.09 9.93
C ASP D 10 31.32 -14.62 8.69
N GLU D 11 31.60 -15.56 7.78
CA GLU D 11 32.19 -15.23 6.48
C GLU D 11 31.22 -14.39 5.65
N LEU D 12 29.94 -14.72 5.72
CA LEU D 12 28.95 -14.00 4.93
C LEU D 12 28.78 -12.55 5.40
N ALA D 13 28.88 -12.35 6.73
CA ALA D 13 28.77 -11.01 7.30
C ALA D 13 29.89 -10.14 6.81
N GLN D 14 31.06 -10.75 6.62
CA GLN D 14 32.25 -10.06 6.16
C GLN D 14 32.14 -9.69 4.70
N GLU D 15 31.59 -10.60 3.89
CA GLU D 15 31.40 -10.30 2.48
CA GLU D 15 31.33 -10.36 2.47
C GLU D 15 30.30 -9.25 2.25
N LEU D 16 29.20 -9.33 3.00
CA LEU D 16 28.08 -8.40 2.83
C LEU D 16 28.23 -7.07 3.59
N GLY D 17 29.19 -7.01 4.49
CA GLY D 17 29.36 -5.89 5.41
C GLY D 17 29.28 -4.53 4.77
N PRO D 18 29.99 -4.33 3.65
CA PRO D 18 29.99 -3.07 2.92
C PRO D 18 28.63 -2.56 2.40
N ILE D 19 27.63 -3.42 2.22
CA ILE D 19 26.31 -2.94 1.81
C ILE D 19 25.23 -3.05 2.89
N GLY D 21 23.42 -2.15 6.56
CA GLY D 21 23.14 -1.01 7.39
C GLY D 21 23.96 -1.12 8.67
N ASP D 22 24.24 0.01 9.29
CA ASP D 22 25.03 0.03 10.51
C ASP D 22 24.29 -0.58 11.69
N ASN D 23 22.96 -0.65 11.60
CA ASN D 23 22.18 -1.31 12.63
C ASN D 23 21.68 -2.70 12.18
N GLU D 24 22.23 -3.22 11.09
CA GLU D 24 21.72 -4.45 10.50
C GLU D 24 22.62 -5.63 10.85
N GLN D 25 22.03 -6.79 11.16
CA GLN D 25 22.78 -8.03 11.35
C GLN D 25 22.15 -9.19 10.56
N LEU D 26 23.00 -10.14 10.13
CA LEU D 26 22.54 -11.36 9.49
C LEU D 26 21.88 -12.24 10.53
N ALA D 27 20.75 -12.87 10.16
CA ALA D 27 20.10 -13.86 11.02
C ALA D 27 20.31 -15.30 10.48
N LEU D 28 19.94 -15.54 9.24
CA LEU D 28 19.93 -16.91 8.72
C LEU D 28 20.18 -16.79 7.24
N ALA D 29 20.72 -17.83 6.64
CA ALA D 29 20.87 -17.86 5.17
C ALA D 29 20.71 -19.27 4.65
N TYR D 30 20.23 -19.38 3.41
CA TYR D 30 19.99 -20.68 2.78
C TYR D 30 20.54 -20.63 1.39
N ARG D 31 21.29 -21.67 0.99
CA ARG D 31 21.76 -21.80 -0.38
C ARG D 31 20.69 -22.44 -1.20
N VAL D 32 20.49 -21.91 -2.40
CA VAL D 32 19.60 -22.54 -3.39
C VAL D 32 20.40 -22.67 -4.70
N ILE D 33 21.00 -23.85 -4.85
CA ILE D 33 21.98 -24.12 -5.90
CA ILE D 33 22.00 -24.14 -5.88
C ILE D 33 23.09 -23.04 -5.79
N ARG D 34 23.15 -22.09 -6.73
CA ARG D 34 24.20 -21.06 -6.71
C ARG D 34 23.71 -19.74 -6.12
N ASP D 35 22.40 -19.66 -5.81
CA ASP D 35 21.82 -18.46 -5.26
C ASP D 35 21.72 -18.61 -3.75
N PHE D 37 19.37 -17.06 -0.19
CA PHE D 37 18.39 -16.27 0.48
C PHE D 37 19.06 -15.83 1.78
N VAL D 38 19.27 -14.53 1.97
CA VAL D 38 19.93 -14.05 3.17
C VAL D 38 18.90 -13.27 3.96
N PHE D 39 18.62 -13.72 5.17
CA PHE D 39 17.66 -13.04 6.01
C PHE D 39 18.44 -12.22 7.01
N THR D 40 18.26 -10.91 6.96
CA THR D 40 18.82 -10.02 7.98
C THR D 40 17.68 -9.64 8.95
N ASN D 41 17.99 -8.81 9.93
CA ASN D 41 16.94 -8.33 10.81
C ASN D 41 16.00 -7.34 10.11
N LYS D 42 16.40 -6.86 8.94
CA LYS D 42 15.63 -5.83 8.23
C LYS D 42 15.11 -6.25 6.86
N ARG D 43 15.80 -7.16 6.18
CA ARG D 43 15.45 -7.52 4.84
C ARG D 43 15.89 -8.92 4.49
N LEU D 44 15.20 -9.46 3.49
CA LEU D 44 15.66 -10.61 2.72
C LEU D 44 16.49 -10.06 1.56
N ILE D 45 17.72 -10.54 1.43
CA ILE D 45 18.53 -10.28 0.24
C ILE D 45 18.60 -11.57 -0.55
N LEU D 46 18.07 -11.54 -1.77
CA LEU D 46 18.15 -12.64 -2.72
C LEU D 46 19.37 -12.33 -3.53
N ILE D 47 20.40 -13.17 -3.38
CA ILE D 47 21.62 -13.01 -4.17
C ILE D 47 21.58 -14.06 -5.27
N ASP D 48 21.51 -13.62 -6.53
CA ASP D 48 21.44 -14.52 -7.66
C ASP D 48 22.71 -14.43 -8.49
N LYS D 49 23.33 -15.58 -8.75
CA LYS D 49 24.51 -15.69 -9.59
C LYS D 49 24.25 -16.69 -10.71
N GLN D 50 24.82 -16.44 -11.88
CA GLN D 50 24.88 -17.47 -12.91
C GLN D 50 26.14 -18.35 -12.77
N GLY D 51 27.14 -17.86 -12.02
CA GLY D 51 28.44 -18.52 -11.85
C GLY D 51 29.09 -18.96 -13.17
N VAL D 52 29.32 -20.26 -13.31
CA VAL D 52 29.88 -20.80 -14.54
C VAL D 52 28.92 -20.61 -15.72
N THR D 53 27.63 -20.40 -15.43
CA THR D 53 26.62 -20.31 -16.50
C THR D 53 26.46 -18.87 -17.06
N GLY D 54 27.00 -17.86 -16.35
CA GLY D 54 27.04 -16.48 -16.85
C GLY D 54 27.80 -15.47 -16.01
N LYS D 55 27.64 -14.19 -16.40
CA LYS D 55 28.37 -13.06 -15.79
C LYS D 55 27.59 -12.33 -14.68
N LYS D 56 26.26 -12.44 -14.73
CA LYS D 56 25.37 -11.71 -13.81
C LYS D 56 25.57 -12.02 -12.31
N VAL D 57 25.55 -10.96 -11.50
CA VAL D 57 25.22 -11.11 -10.10
C VAL D 57 24.21 -10.04 -9.73
N SER D 58 23.19 -10.44 -8.96
CA SER D 58 22.12 -9.57 -8.56
C SER D 58 21.99 -9.63 -7.05
N TYR D 59 21.94 -8.46 -6.38
CA TYR D 59 21.61 -8.38 -4.97
C TYR D 59 20.28 -7.65 -4.87
N HIS D 60 19.22 -8.40 -4.55
CA HIS D 60 17.86 -7.87 -4.54
C HIS D 60 17.39 -7.79 -3.08
N SER D 61 17.23 -6.56 -2.58
CA SER D 61 16.84 -6.35 -1.19
C SER D 61 15.35 -6.14 -1.01
N VAL D 62 14.72 -6.99 -0.20
CA VAL D 62 13.29 -6.92 0.03
C VAL D 62 13.04 -6.71 1.52
N PRO D 63 12.81 -5.48 1.94
CA PRO D 63 12.48 -5.25 3.33
C PRO D 63 11.18 -6.00 3.64
N TYR D 64 11.07 -6.59 4.83
CA TYR D 64 9.99 -7.53 5.14
C TYR D 64 8.58 -6.94 5.04
N LYS D 65 8.44 -5.67 5.35
CA LYS D 65 7.18 -4.94 5.21
C LYS D 65 6.63 -4.96 3.76
N ALA D 66 7.52 -4.99 2.78
CA ALA D 66 7.11 -4.97 1.38
C ALA D 66 6.58 -6.31 0.82
N ILE D 67 6.75 -7.41 1.56
CA ILE D 67 6.21 -8.71 1.17
C ILE D 67 4.70 -8.71 1.46
N THR D 68 3.88 -8.64 0.40
CA THR D 68 2.45 -8.49 0.60
CA THR D 68 2.45 -8.49 0.53
C THR D 68 1.79 -9.84 0.81
N HIS D 69 2.16 -10.85 0.02
CA HIS D 69 1.71 -12.21 0.21
C HIS D 69 2.64 -13.20 -0.45
N PHE D 70 2.45 -14.47 -0.17
CA PHE D 70 3.43 -15.47 -0.64
C PHE D 70 2.83 -16.82 -0.77
N GLU D 71 3.47 -17.64 -1.60
CA GLU D 71 2.93 -18.95 -1.93
C GLU D 71 4.05 -19.93 -2.19
N VAL D 72 3.86 -21.15 -1.70
CA VAL D 72 4.72 -22.26 -2.04
C VAL D 72 3.84 -23.30 -2.67
N GLU D 73 4.22 -23.71 -3.88
CA GLU D 73 3.53 -24.75 -4.62
C GLU D 73 4.54 -25.87 -4.79
N THR D 74 4.15 -27.08 -4.43
CA THR D 74 5.00 -28.27 -4.61
C THR D 74 4.47 -29.13 -5.72
N ALA D 75 5.45 -29.72 -6.42
CA ALA D 75 5.27 -30.79 -7.41
C ALA D 75 4.54 -31.98 -6.81
N GLY D 76 3.57 -32.50 -7.56
CA GLY D 76 3.00 -33.80 -7.25
C GLY D 76 3.81 -34.91 -7.89
N THR D 77 5.13 -34.68 -8.04
CA THR D 77 5.97 -35.52 -8.88
C THR D 77 7.29 -35.97 -8.19
N PHE D 78 7.85 -37.06 -8.71
CA PHE D 78 9.05 -37.74 -8.15
C PHE D 78 10.23 -36.79 -7.88
N ASP D 79 10.33 -35.71 -8.66
CA ASP D 79 11.37 -34.67 -8.50
C ASP D 79 11.30 -33.91 -7.15
N ASP D 81 10.25 -31.14 -6.43
CA ASP D 81 10.52 -29.73 -6.56
C ASP D 81 9.37 -28.88 -6.06
N ALA D 82 9.74 -27.70 -5.57
CA ALA D 82 8.81 -26.68 -5.10
C ALA D 82 9.11 -25.36 -5.81
N GLU D 83 8.16 -24.44 -5.72
CA GLU D 83 8.30 -23.12 -6.27
C GLU D 83 7.74 -22.14 -5.26
N LEU D 84 8.54 -21.09 -4.97
CA LEU D 84 8.16 -19.95 -4.11
C LEU D 84 7.78 -18.76 -4.95
N LYS D 85 6.62 -18.17 -4.67
CA LYS D 85 6.19 -16.91 -5.25
C LYS D 85 6.13 -15.87 -4.13
N LEU D 86 6.86 -14.76 -4.28
CA LEU D 86 6.76 -13.65 -3.36
C LEU D 86 6.12 -12.50 -4.09
N TRP D 87 5.01 -11.98 -3.59
CA TRP D 87 4.43 -10.75 -4.12
C TRP D 87 4.93 -9.56 -3.30
N ILE D 88 5.48 -8.57 -3.98
CA ILE D 88 6.12 -7.43 -3.32
C ILE D 88 5.29 -6.19 -3.61
N SER D 89 5.17 -5.32 -2.60
CA SER D 89 4.27 -4.16 -2.62
C SER D 89 4.44 -3.30 -3.87
N GLY D 90 3.32 -3.02 -4.54
CA GLY D 90 3.31 -2.24 -5.79
C GLY D 90 3.41 -3.05 -7.08
N GLN D 91 3.75 -4.34 -6.99
CA GLN D 91 3.74 -5.24 -8.18
C GLN D 91 2.67 -6.35 -8.10
N LYS D 92 1.89 -6.53 -9.19
CA LYS D 92 0.91 -7.63 -9.26
C LYS D 92 1.54 -9.01 -9.58
N ASP D 93 2.71 -8.99 -10.21
CA ASP D 93 3.37 -10.25 -10.59
C ASP D 93 4.43 -10.64 -9.58
N PRO D 94 4.45 -11.91 -9.19
CA PRO D 94 5.33 -12.37 -8.16
C PRO D 94 6.78 -12.54 -8.62
N LEU D 95 7.70 -12.37 -7.68
CA LEU D 95 9.04 -12.87 -7.85
C LEU D 95 8.93 -14.36 -7.59
N VAL D 96 9.45 -15.17 -8.49
CA VAL D 96 9.28 -16.62 -8.46
C VAL D 96 10.65 -17.26 -8.37
N LYS D 97 10.79 -18.23 -7.47
CA LYS D 97 12.04 -18.92 -7.29
C LYS D 97 11.83 -20.41 -7.24
N GLU D 98 12.52 -21.16 -8.11
CA GLU D 98 12.45 -22.61 -8.09
C GLU D 98 13.26 -23.12 -6.91
N LEU D 99 12.64 -23.99 -6.10
CA LEU D 99 13.29 -24.61 -4.95
C LEU D 99 13.35 -26.11 -5.17
N LYS D 100 14.45 -26.58 -5.74
CA LYS D 100 14.56 -27.99 -6.10
C LYS D 100 14.84 -28.84 -4.88
N LYS D 101 14.52 -30.13 -5.00
CA LYS D 101 14.86 -31.13 -3.99
C LYS D 101 16.24 -30.86 -3.43
N GLY D 102 16.34 -30.83 -2.10
CA GLY D 102 17.58 -30.47 -1.44
C GLY D 102 17.54 -29.10 -0.80
N THR D 103 16.70 -28.21 -1.32
CA THR D 103 16.50 -26.91 -0.69
C THR D 103 15.78 -27.14 0.62
N ASP D 104 16.11 -26.35 1.64
CA ASP D 104 15.35 -26.38 2.87
C ASP D 104 14.07 -25.57 2.65
N VAL D 105 13.12 -26.18 1.97
CA VAL D 105 11.88 -25.53 1.62
C VAL D 105 11.06 -25.15 2.86
N VAL D 106 10.97 -26.08 3.81
CA VAL D 106 10.23 -25.84 5.05
C VAL D 106 10.86 -24.71 5.86
N GLY D 107 12.19 -24.76 6.01
CA GLY D 107 12.93 -23.70 6.69
C GLY D 107 12.75 -22.31 6.13
N ILE D 108 12.78 -22.19 4.80
CA ILE D 108 12.63 -20.90 4.16
C ILE D 108 11.21 -20.35 4.45
N GLN D 109 10.20 -21.23 4.40
CA GLN D 109 8.82 -20.84 4.71
C GLN D 109 8.62 -20.38 6.16
N LYS D 110 9.17 -21.10 7.11
CA LYS D 110 9.05 -20.74 8.51
C LYS D 110 9.72 -19.41 8.77
N THR D 111 10.87 -19.20 8.14
CA THR D 111 11.63 -17.95 8.31
C THR D 111 10.94 -16.75 7.69
N ILE D 112 10.36 -16.93 6.51
CA ILE D 112 9.51 -15.91 5.90
C ILE D 112 8.35 -15.54 6.81
N ALA D 113 7.71 -16.54 7.40
CA ALA D 113 6.68 -16.32 8.40
C ALA D 113 7.19 -15.55 9.62
N ASN D 114 8.29 -16.01 10.21
CA ASN D 114 8.83 -15.39 11.42
C ASN D 114 9.20 -13.92 11.23
N PHE D 115 9.74 -13.58 10.07
CA PHE D 115 10.22 -12.22 9.77
C PHE D 115 9.20 -11.31 9.13
N SER D 116 8.19 -11.85 8.43
CA SER D 116 7.25 -10.99 7.68
C SER D 116 5.87 -10.83 8.30
N LEU D 117 5.44 -11.75 9.15
CA LEU D 117 4.06 -11.75 9.63
C LEU D 117 3.91 -10.96 10.90
N GLU E 6 34.21 14.48 -5.67
CA GLU E 6 33.51 14.74 -4.37
C GLU E 6 32.59 15.97 -4.45
N VAL E 7 31.46 15.88 -3.77
CA VAL E 7 30.48 16.97 -3.73
C VAL E 7 30.62 17.87 -2.48
N ASN E 8 30.73 19.18 -2.73
CA ASN E 8 30.79 20.19 -1.65
C ASN E 8 29.42 20.28 -0.96
N LEU E 9 29.29 19.61 0.18
CA LEU E 9 28.00 19.49 0.86
C LEU E 9 27.58 20.79 1.49
N ASP E 10 28.54 21.59 1.94
CA ASP E 10 28.28 22.95 2.46
C ASP E 10 27.61 23.85 1.39
N GLU E 11 28.10 23.77 0.16
CA GLU E 11 27.53 24.51 -0.97
C GLU E 11 26.17 24.00 -1.40
N LEU E 12 26.06 22.66 -1.49
CA LEU E 12 24.83 22.03 -1.94
C LEU E 12 23.71 22.31 -0.95
N ALA E 13 24.04 22.26 0.34
CA ALA E 13 23.09 22.53 1.41
C ALA E 13 22.58 23.97 1.31
N GLN E 14 23.47 24.86 0.88
CA GLN E 14 23.10 26.24 0.59
C GLN E 14 22.06 26.35 -0.53
N GLU E 15 22.31 25.67 -1.65
CA GLU E 15 21.43 25.74 -2.82
C GLU E 15 20.07 25.04 -2.61
N LEU E 16 20.07 23.87 -1.93
CA LEU E 16 18.84 23.11 -1.66
C LEU E 16 18.12 23.58 -0.40
N GLY E 17 18.77 24.42 0.40
CA GLY E 17 18.23 24.90 1.68
C GLY E 17 16.77 25.33 1.65
N PRO E 18 16.42 26.18 0.69
CA PRO E 18 15.04 26.68 0.59
C PRO E 18 13.92 25.63 0.38
N ILE E 19 14.22 24.47 -0.22
CA ILE E 19 13.19 23.46 -0.51
C ILE E 19 13.20 22.29 0.47
N GLY E 21 12.59 20.45 4.12
CA GLY E 21 11.66 20.50 5.23
C GLY E 21 12.32 21.15 6.45
N ASP E 22 11.54 21.88 7.24
CA ASP E 22 12.03 22.52 8.48
C ASP E 22 12.82 21.57 9.38
N ASN E 23 12.44 20.29 9.38
CA ASN E 23 13.13 19.26 10.17
C ASN E 23 14.11 18.43 9.32
N GLU E 24 14.54 19.00 8.20
CA GLU E 24 15.32 18.25 7.20
C GLU E 24 16.67 18.86 6.94
N GLN E 25 17.63 17.98 6.72
CA GLN E 25 19.01 18.36 6.56
C GLN E 25 19.72 17.45 5.59
N LEU E 26 20.57 18.01 4.76
CA LEU E 26 21.45 17.26 3.85
C LEU E 26 22.39 16.38 4.67
N ALA E 27 22.58 15.15 4.23
CA ALA E 27 23.52 14.21 4.84
C ALA E 27 24.72 14.00 3.93
N LEU E 28 24.46 13.49 2.73
CA LEU E 28 25.48 13.00 1.78
C LEU E 28 24.99 13.25 0.37
N ALA E 29 25.92 13.31 -0.58
CA ALA E 29 25.59 13.40 -2.00
C ALA E 29 26.66 12.64 -2.78
N TYR E 30 26.26 12.05 -3.90
CA TYR E 30 27.19 11.38 -4.81
C TYR E 30 26.94 11.88 -6.22
N ARG E 31 28.02 12.08 -6.97
CA ARG E 31 27.92 12.32 -8.40
C ARG E 31 27.74 10.98 -9.10
N VAL E 32 26.78 10.92 -10.01
CA VAL E 32 26.59 9.74 -10.87
C VAL E 32 26.52 10.29 -12.29
N ILE E 33 27.69 10.48 -12.90
CA ILE E 33 27.85 11.11 -14.22
C ILE E 33 27.68 12.62 -14.00
N ARG E 34 26.80 13.29 -14.77
CA ARG E 34 26.55 14.73 -14.60
C ARG E 34 25.34 14.96 -13.68
N ASP E 35 24.84 13.88 -13.10
CA ASP E 35 23.72 13.95 -12.17
C ASP E 35 24.17 13.70 -10.75
N PHE E 37 22.96 12.20 -6.76
CA PHE E 37 22.13 11.53 -5.79
C PHE E 37 22.36 12.22 -4.47
N VAL E 38 21.38 12.98 -3.99
CA VAL E 38 21.50 13.67 -2.73
C VAL E 38 20.68 12.95 -1.68
N PHE E 39 21.30 12.58 -0.55
CA PHE E 39 20.58 11.93 0.54
C PHE E 39 20.43 12.89 1.74
N THR E 40 19.18 13.22 2.06
CA THR E 40 18.88 14.01 3.25
C THR E 40 18.42 13.06 4.36
N ASN E 41 18.00 13.61 5.50
CA ASN E 41 17.44 12.76 6.54
C ASN E 41 16.05 12.21 6.18
N LYS E 42 15.42 12.80 5.16
CA LYS E 42 14.05 12.42 4.80
C LYS E 42 13.85 11.83 3.41
N ARG E 43 14.77 12.03 2.48
CA ARG E 43 14.54 11.60 1.08
C ARG E 43 15.81 11.57 0.26
N LEU E 44 15.76 10.75 -0.80
CA LEU E 44 16.69 10.82 -1.90
C LEU E 44 16.19 11.85 -2.93
N ILE E 45 17.03 12.81 -3.28
CA ILE E 45 16.76 13.73 -4.40
C ILE E 45 17.68 13.44 -5.58
N LEU E 46 17.08 13.03 -6.69
CA LEU E 46 17.82 12.87 -7.93
C LEU E 46 17.76 14.19 -8.64
N ILE E 47 18.95 14.80 -8.80
CA ILE E 47 19.08 16.06 -9.49
C ILE E 47 19.75 15.79 -10.83
N ASP E 48 18.96 15.89 -11.90
CA ASP E 48 19.41 15.55 -13.25
C ASP E 48 19.32 16.83 -14.06
N LYS E 49 20.35 17.15 -14.83
CA LYS E 49 20.33 18.32 -15.75
C LYS E 49 20.06 17.88 -17.18
N GLY E 54 21.38 22.85 -19.91
CA GLY E 54 20.82 24.20 -20.01
C GLY E 54 20.14 24.64 -18.72
N LYS E 55 19.33 25.71 -18.82
CA LYS E 55 18.65 26.31 -17.66
C LYS E 55 17.58 25.40 -17.00
N LYS E 56 17.53 24.13 -17.40
CA LYS E 56 16.45 23.22 -17.04
C LYS E 56 16.97 22.05 -16.21
N VAL E 57 16.53 22.00 -14.94
CA VAL E 57 16.99 20.96 -14.01
C VAL E 57 15.78 20.30 -13.36
N SER E 58 15.89 19.01 -13.09
CA SER E 58 14.82 18.29 -12.42
C SER E 58 15.28 17.87 -11.01
N TYR E 59 14.40 18.11 -10.04
CA TYR E 59 14.64 17.71 -8.68
C TYR E 59 13.56 16.68 -8.35
N HIS E 60 13.97 15.42 -8.36
CA HIS E 60 13.06 14.30 -8.13
C HIS E 60 13.27 13.73 -6.74
N SER E 61 12.30 13.98 -5.85
CA SER E 61 12.34 13.52 -4.47
C SER E 61 11.66 12.17 -4.30
N VAL E 62 12.38 11.24 -3.67
CA VAL E 62 11.86 9.91 -3.32
C VAL E 62 11.97 9.78 -1.82
N PRO E 63 10.84 9.92 -1.09
CA PRO E 63 10.93 9.76 0.36
C PRO E 63 11.38 8.35 0.70
N TYR E 64 12.13 8.21 1.78
CA TYR E 64 12.66 6.89 2.13
C TYR E 64 11.52 5.95 2.36
N LYS E 65 10.48 6.44 3.04
CA LYS E 65 9.32 5.62 3.36
C LYS E 65 8.54 5.10 2.16
N ALA E 66 8.78 5.64 0.97
CA ALA E 66 8.14 5.17 -0.27
C ALA E 66 8.96 4.12 -1.04
N ILE E 67 10.20 3.87 -0.61
CA ILE E 67 11.04 2.84 -1.27
C ILE E 67 10.62 1.47 -0.74
N THR E 68 10.15 0.60 -1.61
CA THR E 68 9.57 -0.68 -1.17
C THR E 68 10.61 -1.80 -1.22
N HIS E 69 11.42 -1.78 -2.28
CA HIS E 69 12.56 -2.68 -2.39
C HIS E 69 13.51 -2.13 -3.44
N PHE E 70 14.67 -2.75 -3.56
CA PHE E 70 15.70 -2.28 -4.45
C PHE E 70 16.67 -3.39 -4.78
N GLU E 71 17.38 -3.20 -5.88
CA GLU E 71 18.23 -4.23 -6.42
C GLU E 71 19.41 -3.59 -7.14
N VAL E 72 20.60 -4.17 -6.99
CA VAL E 72 21.76 -3.78 -7.77
C VAL E 72 22.26 -5.02 -8.51
N GLU E 73 22.31 -4.91 -9.82
CA GLU E 73 22.80 -6.00 -10.70
C GLU E 73 24.10 -5.56 -11.39
N THR E 74 25.09 -6.44 -11.40
CA THR E 74 26.40 -6.13 -12.02
CA THR E 74 26.44 -6.17 -11.94
C THR E 74 26.83 -7.21 -13.00
N ASP E 81 29.67 -2.27 -15.28
CA ASP E 81 28.91 -1.24 -14.57
C ASP E 81 27.87 -1.96 -13.71
N ALA E 82 27.16 -1.22 -12.85
CA ALA E 82 26.03 -1.78 -12.13
C ALA E 82 24.77 -1.01 -12.51
N GLU E 83 23.62 -1.59 -12.18
CA GLU E 83 22.35 -0.92 -12.40
C GLU E 83 21.55 -1.00 -11.11
N LEU E 84 20.95 0.11 -10.72
CA LEU E 84 20.15 0.19 -9.53
C LEU E 84 18.68 0.35 -9.91
N LYS E 85 17.83 -0.48 -9.32
CA LYS E 85 16.40 -0.33 -9.38
C LYS E 85 15.90 -0.01 -8.01
N LEU E 86 15.09 1.04 -7.94
CA LEU E 86 14.45 1.48 -6.70
C LEU E 86 12.96 1.43 -6.96
N TRP E 87 12.26 0.57 -6.25
CA TRP E 87 10.84 0.45 -6.50
C TRP E 87 10.14 1.30 -5.49
N ILE E 88 9.00 1.85 -5.89
CA ILE E 88 8.30 2.87 -5.11
C ILE E 88 6.84 2.44 -4.85
N SER E 89 6.40 2.71 -3.63
CA SER E 89 5.06 2.41 -3.20
C SER E 89 4.02 2.82 -4.23
N GLY E 90 3.08 1.92 -4.50
CA GLY E 90 1.90 2.25 -5.27
C GLY E 90 2.07 2.26 -6.77
N GLN E 91 3.21 1.74 -7.26
CA GLN E 91 3.48 1.64 -8.70
C GLN E 91 4.31 0.44 -9.10
N LYS E 92 4.01 -0.06 -10.30
CA LYS E 92 4.66 -1.22 -10.86
C LYS E 92 6.14 -0.94 -11.18
N ASP E 93 6.40 0.16 -11.86
CA ASP E 93 7.69 0.37 -12.48
C ASP E 93 8.72 0.95 -11.51
N PRO E 94 9.96 0.42 -11.55
CA PRO E 94 11.02 0.99 -10.70
C PRO E 94 11.63 2.23 -11.33
N LEU E 95 12.33 3.03 -10.52
CA LEU E 95 13.32 3.96 -11.03
C LEU E 95 14.59 3.16 -11.35
N VAL E 96 15.16 3.38 -12.51
CA VAL E 96 16.33 2.63 -12.93
C VAL E 96 17.49 3.61 -13.17
N LYS E 97 18.63 3.33 -12.58
CA LYS E 97 19.79 4.19 -12.71
C LYS E 97 21.03 3.36 -13.00
N GLU E 98 21.71 3.71 -14.10
CA GLU E 98 22.98 3.09 -14.45
CA GLU E 98 22.97 3.07 -14.42
C GLU E 98 24.07 3.71 -13.60
N LEU E 99 24.81 2.88 -12.88
CA LEU E 99 25.91 3.31 -12.03
C LEU E 99 27.18 2.86 -12.74
N LYS E 100 27.72 3.74 -13.59
CA LYS E 100 28.88 3.35 -14.40
C LYS E 100 30.15 3.21 -13.56
N LYS E 101 31.14 2.50 -14.09
CA LYS E 101 32.49 2.48 -13.49
C LYS E 101 32.89 3.92 -13.15
N GLY E 102 33.23 4.16 -11.88
CA GLY E 102 33.53 5.52 -11.39
C GLY E 102 32.59 5.89 -10.25
N THR E 103 31.34 5.47 -10.36
CA THR E 103 30.34 5.71 -9.32
C THR E 103 30.69 4.89 -8.08
N ASP E 104 30.47 5.46 -6.89
CA ASP E 104 30.64 4.74 -5.64
C ASP E 104 29.42 3.81 -5.43
N VAL E 105 29.47 2.63 -6.04
CA VAL E 105 28.36 1.66 -6.00
C VAL E 105 28.15 1.12 -4.58
N VAL E 106 29.22 0.78 -3.88
CA VAL E 106 29.11 0.25 -2.52
C VAL E 106 28.57 1.32 -1.56
N GLY E 107 29.08 2.53 -1.66
CA GLY E 107 28.62 3.63 -0.82
C GLY E 107 27.14 3.95 -1.00
N ILE E 108 26.70 4.02 -2.26
CA ILE E 108 25.28 4.27 -2.51
C ILE E 108 24.43 3.19 -1.85
N GLN E 109 24.87 1.93 -1.92
CA GLN E 109 24.09 0.80 -1.38
C GLN E 109 24.03 0.85 0.13
N LYS E 110 25.17 1.20 0.75
CA LYS E 110 25.26 1.35 2.20
C LYS E 110 24.33 2.45 2.70
N THR E 111 24.34 3.58 1.98
CA THR E 111 23.51 4.72 2.35
C THR E 111 22.03 4.40 2.18
N ILE E 112 21.65 3.70 1.11
CA ILE E 112 20.26 3.27 0.94
C ILE E 112 19.83 2.41 2.11
N ALA E 113 20.67 1.44 2.46
CA ALA E 113 20.43 0.59 3.65
C ALA E 113 20.34 1.43 4.92
N ASN E 114 21.34 2.27 5.19
CA ASN E 114 21.35 3.05 6.46
C ASN E 114 20.15 3.93 6.62
N PHE E 115 19.70 4.56 5.53
CA PHE E 115 18.69 5.61 5.62
C PHE E 115 17.26 5.09 5.43
N SER E 116 17.07 3.94 4.80
CA SER E 116 15.72 3.40 4.58
C SER E 116 15.34 2.23 5.51
N LEU E 117 16.29 1.38 5.86
CA LEU E 117 15.99 0.23 6.70
C LEU E 117 15.91 0.62 8.18
#